data_2OPX
#
_entry.id   2OPX
#
_cell.length_a   141.811
_cell.length_b   141.811
_cell.length_c   107.861
_cell.angle_alpha   90.000
_cell.angle_beta   90.000
_cell.angle_gamma   120.000
#
_symmetry.space_group_name_H-M   'P 64 2 2'
#
loop_
_entity.id
_entity.type
_entity.pdbx_description
1 polymer 'Aldehyde dehydrogenase A'
2 non-polymer '(3ALPHA,5BETA,12ALPHA)-3,12-DIHYDROXYCHOLAN-24-OIC ACID'
3 water water
#
_entity_poly.entity_id   1
_entity_poly.type   'polypeptide(L)'
_entity_poly.pdbx_seq_one_letter_code
;MSVPVQHPMYIDGQFVTWRGDAWIDVVNPATEAVISRIPDGQAEDARKAIDAAERAQPEWEALPAIERASWLRKISAGIR
ERATEISALIVEEGGKIQQLAEVEVAFTADYIDYMAEWARRYEGEIIQSDRPGENILLFKRALGVTTGILPWNFPFFLIA
RKMAPALLTGNTIVIKPSEFTPNNAIAFAKIVDEIGLPRGVFNLVLGRGETVGQELAGNPKVAMVSMTGSVSAGEKIMAT
AAKNITKVCLELGGKAPAIVMDDADLELAVKAIVDSRVINSGQVCNCAERVYVQKGIYDQFVNRLGEAMQAVQFGNPAER
NDIAMGPLINAAALERVEQKVARAVEEGARVALGGKAVEGKGYYYPPTLLLDVRQEMSIMHEETFGPVLPVVAFDTLEEA
ISMANDSDYGLTSSIYTQNLNVAMKAIKGLKFGETYINRENFEAMQGFHAGWRKSGIGGADGKHGLHEYLQTQVVYLQS
;
_entity_poly.pdbx_strand_id   A
#
loop_
_chem_comp.id
_chem_comp.type
_chem_comp.name
_chem_comp.formula
DXC non-polymer '(3ALPHA,5BETA,12ALPHA)-3,12-DIHYDROXYCHOLAN-24-OIC ACID' 'C24 H40 O4'
#
# COMPACT_ATOMS: atom_id res chain seq x y z
N VAL A 3 -10.57 11.17 27.28
CA VAL A 3 -9.62 10.07 27.62
C VAL A 3 -9.39 9.15 26.42
N PRO A 4 -8.16 9.11 25.90
CA PRO A 4 -7.87 8.25 24.76
C PRO A 4 -7.85 6.79 25.19
N VAL A 5 -8.54 5.95 24.43
CA VAL A 5 -8.61 4.53 24.72
C VAL A 5 -7.24 3.86 24.61
N GLN A 6 -7.00 2.89 25.49
CA GLN A 6 -5.75 2.14 25.49
C GLN A 6 -6.10 0.82 24.80
N HIS A 7 -5.67 0.65 23.56
CA HIS A 7 -5.98 -0.56 22.80
C HIS A 7 -5.20 -1.80 23.19
N PRO A 8 -5.87 -2.96 23.18
CA PRO A 8 -5.23 -4.23 23.52
C PRO A 8 -4.86 -4.89 22.20
N MET A 9 -3.93 -5.84 22.23
CA MET A 9 -3.55 -6.54 21.02
C MET A 9 -4.54 -7.69 20.88
N TYR A 10 -4.62 -8.27 19.68
CA TYR A 10 -5.52 -9.39 19.48
C TYR A 10 -4.68 -10.61 19.17
N ILE A 11 -4.62 -11.52 20.14
CA ILE A 11 -3.79 -12.71 20.03
C ILE A 11 -4.51 -14.00 20.39
N ASP A 12 -4.34 -15.00 19.54
CA ASP A 12 -4.93 -16.31 19.76
C ASP A 12 -6.42 -16.25 20.06
N GLY A 13 -7.17 -15.61 19.17
CA GLY A 13 -8.61 -15.52 19.33
C GLY A 13 -9.18 -14.62 20.42
N GLN A 14 -8.36 -13.76 21.01
CA GLN A 14 -8.88 -12.89 22.05
C GLN A 14 -8.08 -11.62 22.22
N PHE A 15 -8.74 -10.59 22.73
CA PHE A 15 -8.07 -9.33 22.99
C PHE A 15 -7.32 -9.51 24.29
N VAL A 16 -6.07 -9.09 24.31
CA VAL A 16 -5.24 -9.20 25.50
C VAL A 16 -4.78 -7.83 25.93
N THR A 17 -5.12 -7.45 27.15
CA THR A 17 -4.73 -6.15 27.66
C THR A 17 -3.22 -6.10 27.89
N TRP A 18 -2.63 -4.95 27.56
CA TRP A 18 -1.20 -4.72 27.70
C TRP A 18 -0.82 -4.54 29.16
N ARG A 19 0.26 -5.18 29.57
CA ARG A 19 0.69 -5.07 30.95
C ARG A 19 2.00 -4.29 31.08
N GLY A 20 2.52 -3.85 29.94
CA GLY A 20 3.75 -3.09 29.94
C GLY A 20 3.47 -1.67 30.41
N ASP A 21 4.52 -0.88 30.60
CA ASP A 21 4.35 0.48 31.06
C ASP A 21 4.37 1.50 29.92
N ALA A 22 5.08 1.18 28.84
CA ALA A 22 5.19 2.09 27.71
C ALA A 22 4.06 1.99 26.69
N TRP A 23 3.62 3.16 26.22
CA TRP A 23 2.57 3.23 25.21
C TRP A 23 2.98 4.16 24.08
N ILE A 24 2.34 4.00 22.93
CA ILE A 24 2.60 4.87 21.78
C ILE A 24 1.34 5.70 21.62
N ASP A 25 1.51 7.02 21.55
CA ASP A 25 0.36 7.90 21.36
C ASP A 25 -0.04 7.90 19.89
N VAL A 26 -1.34 7.83 19.65
CA VAL A 26 -1.85 7.87 18.29
C VAL A 26 -2.43 9.29 18.20
N VAL A 27 -1.78 10.12 17.38
CA VAL A 27 -2.18 11.52 17.23
C VAL A 27 -2.93 11.83 15.94
N ASN A 28 -3.95 12.68 16.05
CA ASN A 28 -4.72 13.10 14.89
C ASN A 28 -3.84 14.05 14.07
N PRO A 29 -3.47 13.66 12.85
CA PRO A 29 -2.62 14.52 12.02
C PRO A 29 -3.20 15.91 11.70
N ALA A 30 -4.49 16.09 11.93
CA ALA A 30 -5.13 17.37 11.64
C ALA A 30 -5.20 18.28 12.86
N THR A 31 -5.35 17.68 14.05
CA THR A 31 -5.49 18.46 15.28
C THR A 31 -4.39 18.24 16.29
N GLU A 32 -3.54 17.24 16.06
CA GLU A 32 -2.44 16.93 16.95
C GLU A 32 -2.89 16.44 18.32
N ALA A 33 -4.17 16.09 18.42
CA ALA A 33 -4.71 15.59 19.67
C ALA A 33 -4.48 14.08 19.74
N VAL A 34 -4.31 13.57 20.95
CA VAL A 34 -4.11 12.15 21.15
C VAL A 34 -5.49 11.51 21.12
N ILE A 35 -5.72 10.65 20.14
CA ILE A 35 -7.01 9.98 20.01
C ILE A 35 -7.03 8.63 20.71
N SER A 36 -5.86 8.02 20.83
CA SER A 36 -5.77 6.72 21.49
C SER A 36 -4.32 6.36 21.75
N ARG A 37 -4.13 5.24 22.44
CA ARG A 37 -2.79 4.75 22.75
C ARG A 37 -2.73 3.26 22.52
N ILE A 38 -1.63 2.79 21.94
CA ILE A 38 -1.45 1.37 21.73
C ILE A 38 -0.21 0.96 22.49
N PRO A 39 -0.12 -0.33 22.85
CA PRO A 39 1.03 -0.84 23.58
C PRO A 39 2.32 -0.66 22.80
N ASP A 40 3.42 -0.41 23.51
CA ASP A 40 4.71 -0.31 22.86
C ASP A 40 5.18 -1.76 22.88
N GLY A 41 4.48 -2.59 22.11
CA GLY A 41 4.77 -4.01 22.05
C GLY A 41 6.21 -4.41 21.91
N GLN A 42 6.52 -5.63 22.37
CA GLN A 42 7.86 -6.18 22.32
C GLN A 42 7.85 -7.40 21.39
N ALA A 43 9.04 -7.85 21.01
CA ALA A 43 9.17 -9.02 20.15
C ALA A 43 8.40 -10.19 20.77
N GLU A 44 8.45 -10.30 22.09
CA GLU A 44 7.77 -11.36 22.81
C GLU A 44 6.29 -11.42 22.43
N ASP A 45 5.66 -10.25 22.32
CA ASP A 45 4.26 -10.18 21.98
C ASP A 45 4.02 -10.68 20.56
N ALA A 46 4.99 -10.44 19.69
CA ALA A 46 4.89 -10.89 18.31
C ALA A 46 5.05 -12.41 18.27
N ARG A 47 5.91 -12.95 19.14
CA ARG A 47 6.12 -14.40 19.19
C ARG A 47 4.85 -15.14 19.61
N LYS A 48 4.19 -14.63 20.65
CA LYS A 48 2.97 -15.25 21.13
C LYS A 48 1.98 -15.35 19.99
N ALA A 49 1.85 -14.27 19.23
CA ALA A 49 0.92 -14.22 18.11
C ALA A 49 1.36 -15.21 17.03
N ILE A 50 2.67 -15.23 16.76
CA ILE A 50 3.20 -16.11 15.76
C ILE A 50 2.97 -17.56 16.18
N ASP A 51 3.17 -17.86 17.46
CA ASP A 51 2.95 -19.23 17.97
C ASP A 51 1.49 -19.63 17.84
N ALA A 52 0.59 -18.70 18.16
CA ALA A 52 -0.84 -18.99 18.06
C ALA A 52 -1.17 -19.22 16.59
N ALA A 53 -0.52 -18.44 15.72
CA ALA A 53 -0.75 -18.54 14.29
C ALA A 53 -0.29 -19.90 13.81
N GLU A 54 0.81 -20.38 14.37
CA GLU A 54 1.36 -21.68 13.98
C GLU A 54 0.45 -22.82 14.44
N ARG A 55 -0.09 -22.71 15.65
CA ARG A 55 -0.97 -23.75 16.15
C ARG A 55 -2.22 -23.91 15.31
N ALA A 56 -2.83 -22.79 14.96
CA ALA A 56 -4.06 -22.79 14.18
C ALA A 56 -3.91 -23.17 12.72
N GLN A 57 -2.75 -22.89 12.14
CA GLN A 57 -2.52 -23.15 10.72
C GLN A 57 -2.94 -24.52 10.19
N PRO A 58 -2.45 -25.61 10.79
CA PRO A 58 -2.83 -26.95 10.30
C PRO A 58 -4.33 -27.16 10.17
N GLU A 59 -5.08 -26.89 11.23
CA GLU A 59 -6.52 -27.07 11.19
C GLU A 59 -7.21 -26.07 10.28
N TRP A 60 -6.58 -24.92 10.07
CA TRP A 60 -7.16 -23.90 9.21
C TRP A 60 -7.00 -24.32 7.75
N GLU A 61 -5.83 -24.82 7.39
CA GLU A 61 -5.60 -25.25 6.02
C GLU A 61 -6.37 -26.53 5.71
N ALA A 62 -6.70 -27.29 6.75
CA ALA A 62 -7.44 -28.54 6.57
C ALA A 62 -8.88 -28.23 6.17
N LEU A 63 -9.37 -27.05 6.50
CA LEU A 63 -10.73 -26.67 6.14
C LEU A 63 -10.84 -26.55 4.62
N PRO A 64 -12.00 -26.91 4.05
CA PRO A 64 -12.14 -26.78 2.60
C PRO A 64 -12.01 -25.30 2.29
N ALA A 65 -11.48 -24.95 1.12
CA ALA A 65 -11.28 -23.56 0.78
C ALA A 65 -12.57 -22.74 0.89
N ILE A 66 -13.68 -23.33 0.43
CA ILE A 66 -14.95 -22.63 0.48
C ILE A 66 -15.34 -22.23 1.89
N GLU A 67 -14.89 -22.98 2.89
CA GLU A 67 -15.22 -22.66 4.27
C GLU A 67 -14.35 -21.52 4.78
N ARG A 68 -13.12 -21.44 4.28
CA ARG A 68 -12.25 -20.34 4.68
C ARG A 68 -12.86 -19.09 4.06
N ALA A 69 -13.31 -19.20 2.82
CA ALA A 69 -13.93 -18.09 2.11
C ALA A 69 -15.15 -17.60 2.89
N SER A 70 -15.93 -18.55 3.37
CA SER A 70 -17.12 -18.25 4.15
C SER A 70 -16.76 -17.38 5.35
N TRP A 71 -15.59 -17.63 5.94
CA TRP A 71 -15.13 -16.85 7.08
C TRP A 71 -14.78 -15.43 6.64
N LEU A 72 -14.17 -15.30 5.46
CA LEU A 72 -13.79 -14.01 4.94
C LEU A 72 -15.04 -13.16 4.72
N ARG A 73 -16.08 -13.77 4.14
CA ARG A 73 -17.32 -13.07 3.86
C ARG A 73 -17.98 -12.57 5.13
N LYS A 74 -17.84 -13.31 6.22
CA LYS A 74 -18.42 -12.86 7.48
C LYS A 74 -17.70 -11.60 7.91
N ILE A 75 -16.40 -11.54 7.64
CA ILE A 75 -15.63 -10.38 8.02
C ILE A 75 -15.99 -9.17 7.16
N SER A 76 -16.10 -9.37 5.86
CA SER A 76 -16.45 -8.26 4.99
C SER A 76 -17.82 -7.72 5.37
N ALA A 77 -18.78 -8.61 5.61
CA ALA A 77 -20.12 -8.19 5.99
C ALA A 77 -20.02 -7.41 7.28
N GLY A 78 -19.12 -7.84 8.17
CA GLY A 78 -18.93 -7.16 9.43
C GLY A 78 -18.43 -5.74 9.19
N ILE A 79 -17.53 -5.60 8.22
CA ILE A 79 -16.97 -4.30 7.86
C ILE A 79 -18.08 -3.35 7.41
N ARG A 80 -18.88 -3.81 6.46
CA ARG A 80 -19.96 -3.01 5.95
C ARG A 80 -20.95 -2.50 6.99
N GLU A 81 -21.24 -3.32 8.00
CA GLU A 81 -22.18 -2.94 9.05
C GLU A 81 -21.63 -1.80 9.90
N ARG A 82 -20.32 -1.64 9.89
CA ARG A 82 -19.66 -0.61 10.68
C ARG A 82 -18.82 0.33 9.82
N ALA A 83 -19.10 0.32 8.51
CA ALA A 83 -18.34 1.14 7.57
C ALA A 83 -18.18 2.61 8.00
N THR A 84 -19.28 3.26 8.34
CA THR A 84 -19.21 4.65 8.75
C THR A 84 -18.26 4.80 9.93
N GLU A 85 -18.43 3.96 10.94
CA GLU A 85 -17.56 4.03 12.10
C GLU A 85 -16.09 3.79 11.72
N ILE A 86 -15.84 2.80 10.87
CA ILE A 86 -14.46 2.51 10.46
C ILE A 86 -13.90 3.70 9.70
N SER A 87 -14.69 4.22 8.76
CA SER A 87 -14.29 5.39 7.98
C SER A 87 -13.84 6.51 8.89
N ALA A 88 -14.66 6.84 9.87
CA ALA A 88 -14.37 7.91 10.82
C ALA A 88 -13.03 7.72 11.49
N LEU A 89 -12.69 6.48 11.81
CA LEU A 89 -11.42 6.19 12.44
C LEU A 89 -10.29 6.47 11.46
N ILE A 90 -10.47 6.07 10.20
CA ILE A 90 -9.44 6.28 9.20
C ILE A 90 -9.18 7.77 9.07
N VAL A 91 -10.27 8.54 8.95
CA VAL A 91 -10.20 9.98 8.80
C VAL A 91 -9.43 10.60 9.95
N GLU A 92 -9.79 10.19 11.16
CA GLU A 92 -9.18 10.69 12.38
C GLU A 92 -7.67 10.45 12.49
N GLU A 93 -7.27 9.18 12.46
CA GLU A 93 -5.85 8.85 12.59
C GLU A 93 -5.06 8.95 11.30
N GLY A 94 -5.72 8.70 10.18
CA GLY A 94 -5.04 8.76 8.90
C GLY A 94 -4.98 10.16 8.34
N GLY A 95 -5.95 10.98 8.72
CA GLY A 95 -6.00 12.35 8.24
C GLY A 95 -6.38 12.43 6.78
N LYS A 96 -7.12 11.44 6.29
CA LYS A 96 -7.53 11.46 4.90
C LYS A 96 -8.96 11.96 4.81
N ILE A 97 -9.35 12.47 3.64
CA ILE A 97 -10.68 13.00 3.47
C ILE A 97 -11.78 11.95 3.60
N GLN A 98 -12.89 12.36 4.16
CA GLN A 98 -14.02 11.48 4.38
C GLN A 98 -14.32 10.58 3.20
N GLN A 99 -14.53 11.17 2.03
CA GLN A 99 -14.84 10.38 0.86
C GLN A 99 -13.82 9.29 0.57
N LEU A 100 -12.54 9.58 0.78
CA LEU A 100 -11.51 8.59 0.52
C LEU A 100 -11.53 7.48 1.56
N ALA A 101 -11.84 7.86 2.80
CA ALA A 101 -11.90 6.88 3.88
C ALA A 101 -13.08 5.95 3.59
N GLU A 102 -14.17 6.54 3.11
CA GLU A 102 -15.37 5.78 2.79
C GLU A 102 -15.11 4.73 1.72
N VAL A 103 -14.40 5.10 0.66
CA VAL A 103 -14.13 4.15 -0.41
C VAL A 103 -13.17 3.09 0.08
N GLU A 104 -12.16 3.50 0.83
CA GLU A 104 -11.19 2.53 1.34
C GLU A 104 -11.93 1.41 2.06
N VAL A 105 -12.82 1.80 2.97
CA VAL A 105 -13.60 0.83 3.73
C VAL A 105 -14.48 -0.01 2.82
N ALA A 106 -15.20 0.66 1.93
CA ALA A 106 -16.08 -0.05 1.01
C ALA A 106 -15.29 -0.99 0.09
N PHE A 107 -14.18 -0.50 -0.43
CA PHE A 107 -13.34 -1.30 -1.31
C PHE A 107 -12.75 -2.49 -0.57
N THR A 108 -12.31 -2.25 0.66
CA THR A 108 -11.74 -3.30 1.50
C THR A 108 -12.70 -4.48 1.61
N ALA A 109 -13.96 -4.19 1.93
CA ALA A 109 -14.95 -5.25 2.05
C ALA A 109 -15.11 -5.98 0.71
N ASP A 110 -15.22 -5.22 -0.38
CA ASP A 110 -15.37 -5.85 -1.69
C ASP A 110 -14.14 -6.68 -2.03
N TYR A 111 -12.98 -6.13 -1.68
CA TYR A 111 -11.72 -6.80 -1.94
C TYR A 111 -11.70 -8.16 -1.22
N ILE A 112 -12.10 -8.17 0.04
CA ILE A 112 -12.16 -9.40 0.81
C ILE A 112 -13.11 -10.38 0.15
N ASP A 113 -14.32 -9.92 -0.19
CA ASP A 113 -15.29 -10.79 -0.84
C ASP A 113 -14.72 -11.34 -2.15
N TYR A 114 -14.03 -10.49 -2.89
CA TYR A 114 -13.43 -10.90 -4.15
C TYR A 114 -12.36 -11.97 -3.93
N MET A 115 -11.52 -11.77 -2.93
CA MET A 115 -10.48 -12.75 -2.64
C MET A 115 -11.09 -14.09 -2.23
N ALA A 116 -12.18 -14.03 -1.47
CA ALA A 116 -12.85 -15.24 -1.03
C ALA A 116 -13.32 -16.08 -2.20
N GLU A 117 -13.59 -15.42 -3.33
CA GLU A 117 -14.07 -16.14 -4.51
C GLU A 117 -13.00 -17.01 -5.16
N TRP A 118 -11.77 -16.95 -4.65
CA TRP A 118 -10.69 -17.76 -5.21
C TRP A 118 -10.70 -19.18 -4.66
N ALA A 119 -11.49 -19.40 -3.62
CA ALA A 119 -11.60 -20.68 -2.94
C ALA A 119 -11.55 -21.91 -3.85
N ARG A 120 -12.49 -21.98 -4.77
CA ARG A 120 -12.57 -23.12 -5.68
C ARG A 120 -11.85 -22.85 -6.99
N ARG A 121 -10.97 -21.85 -7.01
CA ARG A 121 -10.32 -21.50 -8.28
C ARG A 121 -8.81 -21.60 -8.41
N TYR A 122 -8.04 -21.44 -7.33
CA TYR A 122 -6.60 -21.57 -7.51
C TYR A 122 -6.33 -23.03 -7.82
N GLU A 123 -5.69 -23.27 -8.96
CA GLU A 123 -5.44 -24.62 -9.41
C GLU A 123 -4.04 -25.17 -9.31
N GLY A 124 -3.98 -26.49 -9.11
CA GLY A 124 -2.71 -27.18 -9.07
C GLY A 124 -2.58 -27.64 -10.50
N GLU A 125 -1.56 -28.42 -10.81
CA GLU A 125 -1.39 -28.85 -12.19
C GLU A 125 -0.98 -30.31 -12.31
N ILE A 126 -1.43 -30.95 -13.37
CA ILE A 126 -1.07 -32.33 -13.65
C ILE A 126 -0.12 -32.19 -14.85
N ILE A 127 1.15 -32.49 -14.61
CA ILE A 127 2.19 -32.38 -15.62
C ILE A 127 2.55 -33.72 -16.25
N GLN A 128 2.69 -33.74 -17.58
CA GLN A 128 3.05 -34.95 -18.31
C GLN A 128 4.44 -35.39 -17.88
N SER A 129 4.64 -36.69 -17.74
CA SER A 129 5.93 -37.20 -17.34
C SER A 129 6.55 -37.98 -18.48
N ASP A 130 7.88 -38.09 -18.47
CA ASP A 130 8.60 -38.85 -19.50
C ASP A 130 8.61 -40.32 -19.08
N ARG A 131 8.25 -40.57 -17.83
CA ARG A 131 8.22 -41.92 -17.30
C ARG A 131 6.86 -42.55 -17.48
N PRO A 132 6.81 -43.76 -18.04
CA PRO A 132 5.55 -44.46 -18.25
C PRO A 132 4.92 -44.78 -16.92
N GLY A 133 3.60 -44.66 -16.84
CA GLY A 133 2.90 -44.97 -15.61
C GLY A 133 3.09 -43.98 -14.48
N GLU A 134 3.74 -42.87 -14.76
CA GLU A 134 3.95 -41.87 -13.72
C GLU A 134 3.02 -40.68 -13.89
N ASN A 135 2.59 -40.13 -12.75
CA ASN A 135 1.73 -38.97 -12.74
C ASN A 135 2.45 -37.86 -11.99
N ILE A 136 2.57 -36.69 -12.60
CA ILE A 136 3.21 -35.59 -11.90
C ILE A 136 2.12 -34.63 -11.47
N LEU A 137 1.85 -34.61 -10.18
CA LEU A 137 0.82 -33.75 -9.62
C LEU A 137 1.45 -32.60 -8.86
N LEU A 138 1.20 -31.38 -9.32
CA LEU A 138 1.73 -30.20 -8.66
C LEU A 138 0.61 -29.54 -7.89
N PHE A 139 0.68 -29.64 -6.57
CA PHE A 139 -0.34 -29.06 -5.70
C PHE A 139 0.06 -27.66 -5.24
N LYS A 140 -0.94 -26.86 -4.90
CA LYS A 140 -0.71 -25.52 -4.39
C LYS A 140 -1.04 -25.64 -2.91
N ARG A 141 -0.09 -25.29 -2.06
CA ARG A 141 -0.29 -25.38 -0.62
C ARG A 141 -0.05 -24.03 0.03
N ALA A 142 -0.50 -23.90 1.27
CA ALA A 142 -0.30 -22.66 2.00
C ALA A 142 1.17 -22.62 2.42
N LEU A 143 1.67 -21.44 2.73
CA LEU A 143 3.04 -21.29 3.16
C LEU A 143 3.09 -21.67 4.63
N GLY A 144 2.05 -21.27 5.36
CA GLY A 144 1.97 -21.56 6.78
C GLY A 144 1.62 -20.31 7.55
N VAL A 145 2.58 -19.83 8.33
CA VAL A 145 2.36 -18.62 9.11
C VAL A 145 2.95 -17.43 8.34
N THR A 146 2.13 -16.41 8.14
CA THR A 146 2.60 -15.23 7.44
C THR A 146 2.38 -14.00 8.30
N THR A 147 3.22 -12.99 8.10
CA THR A 147 3.11 -11.77 8.86
C THR A 147 2.90 -10.60 7.92
N GLY A 148 2.25 -9.56 8.42
CA GLY A 148 2.01 -8.39 7.62
C GLY A 148 2.33 -7.12 8.39
N ILE A 149 3.20 -6.30 7.82
CA ILE A 149 3.60 -5.02 8.38
C ILE A 149 2.88 -4.01 7.50
N LEU A 150 1.84 -3.37 8.03
CA LEU A 150 1.05 -2.43 7.24
C LEU A 150 1.52 -0.97 7.28
N PRO A 151 1.16 -0.21 6.25
CA PRO A 151 1.51 1.21 6.14
C PRO A 151 0.37 2.02 6.75
N TRP A 152 0.54 3.33 6.83
CA TRP A 152 -0.49 4.21 7.40
C TRP A 152 -1.36 4.90 6.35
N ASN A 153 -0.88 4.99 5.11
CA ASN A 153 -1.64 5.67 4.06
C ASN A 153 -2.98 5.01 3.70
N PHE A 154 -3.01 3.68 3.65
CA PHE A 154 -4.25 2.95 3.40
C PHE A 154 -4.23 1.76 4.35
N PRO A 155 -4.16 2.04 5.66
CA PRO A 155 -4.10 1.09 6.77
C PRO A 155 -5.20 0.05 6.80
N PHE A 156 -6.43 0.47 6.50
CA PHE A 156 -7.51 -0.48 6.53
C PHE A 156 -7.47 -1.43 5.35
N PHE A 157 -7.38 -0.90 4.14
CA PHE A 157 -7.34 -1.74 2.95
C PHE A 157 -6.19 -2.74 3.01
N LEU A 158 -5.03 -2.28 3.43
CA LEU A 158 -3.89 -3.16 3.48
C LEU A 158 -4.01 -4.30 4.46
N ILE A 159 -4.93 -4.19 5.40
CA ILE A 159 -5.14 -5.29 6.32
C ILE A 159 -5.67 -6.40 5.43
N ALA A 160 -6.69 -6.05 4.65
CA ALA A 160 -7.32 -7.00 3.74
C ALA A 160 -6.41 -7.42 2.60
N ARG A 161 -5.65 -6.47 2.08
CA ARG A 161 -4.76 -6.75 0.97
C ARG A 161 -3.83 -7.91 1.30
N LYS A 162 -3.47 -8.04 2.57
CA LYS A 162 -2.60 -9.12 2.98
C LYS A 162 -3.34 -10.32 3.58
N MET A 163 -4.26 -10.08 4.52
CA MET A 163 -4.95 -11.19 5.17
C MET A 163 -5.96 -11.98 4.32
N ALA A 164 -6.72 -11.29 3.48
CA ALA A 164 -7.70 -11.99 2.66
C ALA A 164 -7.05 -13.08 1.82
N PRO A 165 -6.11 -12.73 0.93
CA PRO A 165 -5.48 -13.76 0.11
C PRO A 165 -4.77 -14.81 0.98
N ALA A 166 -4.18 -14.35 2.07
CA ALA A 166 -3.45 -15.23 2.98
C ALA A 166 -4.37 -16.30 3.58
N LEU A 167 -5.45 -15.87 4.23
CA LEU A 167 -6.37 -16.80 4.86
C LEU A 167 -7.09 -17.70 3.87
N LEU A 168 -7.48 -17.15 2.72
CA LEU A 168 -8.19 -17.96 1.74
C LEU A 168 -7.38 -19.17 1.31
N THR A 169 -6.09 -18.96 1.12
CA THR A 169 -5.21 -20.03 0.69
C THR A 169 -4.81 -20.96 1.82
N GLY A 170 -5.30 -20.71 3.03
CA GLY A 170 -4.98 -21.58 4.14
C GLY A 170 -3.85 -21.19 5.06
N ASN A 171 -3.39 -19.94 4.95
CA ASN A 171 -2.33 -19.46 5.83
C ASN A 171 -3.00 -18.80 7.01
N THR A 172 -2.22 -18.55 8.05
CA THR A 172 -2.70 -17.83 9.22
C THR A 172 -1.83 -16.59 9.20
N ILE A 173 -2.24 -15.54 9.87
CA ILE A 173 -1.46 -14.31 9.81
C ILE A 173 -1.38 -13.54 11.11
N VAL A 174 -0.27 -12.81 11.26
CA VAL A 174 -0.06 -11.96 12.40
C VAL A 174 0.24 -10.61 11.75
N ILE A 175 -0.66 -9.66 11.97
CA ILE A 175 -0.55 -8.33 11.39
C ILE A 175 -0.13 -7.27 12.39
N LYS A 176 0.73 -6.37 11.93
CA LYS A 176 1.16 -5.25 12.74
C LYS A 176 0.74 -4.03 11.95
N PRO A 177 -0.17 -3.22 12.49
CA PRO A 177 -0.56 -2.03 11.73
C PRO A 177 0.51 -0.97 11.97
N SER A 178 0.42 0.16 11.28
CA SER A 178 1.39 1.21 11.52
C SER A 178 1.01 1.83 12.86
N GLU A 179 2.01 2.09 13.69
CA GLU A 179 1.77 2.68 14.99
C GLU A 179 1.05 4.04 14.85
N PHE A 180 1.09 4.61 13.65
CA PHE A 180 0.44 5.90 13.41
C PHE A 180 -1.04 5.72 13.15
N THR A 181 -1.43 4.55 12.64
CA THR A 181 -2.83 4.32 12.34
C THR A 181 -3.30 2.91 12.71
N PRO A 182 -3.36 2.61 14.02
CA PRO A 182 -3.80 1.28 14.48
C PRO A 182 -5.30 1.13 14.76
N ASN A 183 -5.98 2.24 15.05
CA ASN A 183 -7.40 2.19 15.38
C ASN A 183 -8.30 1.42 14.42
N ASN A 184 -8.10 1.61 13.11
CA ASN A 184 -8.93 0.91 12.13
C ASN A 184 -8.63 -0.59 12.20
N ALA A 185 -7.38 -0.92 12.54
CA ALA A 185 -6.96 -2.31 12.64
C ALA A 185 -7.63 -2.93 13.87
N ILE A 186 -7.66 -2.17 14.97
CA ILE A 186 -8.31 -2.67 16.18
C ILE A 186 -9.77 -2.98 15.84
N ALA A 187 -10.40 -2.10 15.07
CA ALA A 187 -11.79 -2.28 14.68
C ALA A 187 -11.94 -3.52 13.80
N PHE A 188 -10.96 -3.76 12.95
CA PHE A 188 -10.99 -4.93 12.08
C PHE A 188 -10.91 -6.18 12.94
N ALA A 189 -10.07 -6.11 13.99
CA ALA A 189 -9.90 -7.23 14.91
C ALA A 189 -11.22 -7.47 15.65
N LYS A 190 -11.87 -6.41 16.09
CA LYS A 190 -13.14 -6.55 16.80
C LYS A 190 -14.12 -7.33 15.95
N ILE A 191 -14.17 -7.00 14.66
CA ILE A 191 -15.08 -7.68 13.74
C ILE A 191 -14.69 -9.15 13.65
N VAL A 192 -13.40 -9.41 13.47
CA VAL A 192 -12.91 -10.77 13.39
C VAL A 192 -13.31 -11.53 14.64
N ASP A 193 -13.10 -10.91 15.80
CA ASP A 193 -13.45 -11.56 17.05
C ASP A 193 -14.95 -11.81 17.16
N GLU A 194 -15.75 -10.81 16.81
CA GLU A 194 -17.18 -10.95 16.89
C GLU A 194 -17.75 -12.05 16.00
N ILE A 195 -17.18 -12.23 14.81
CA ILE A 195 -17.72 -13.28 13.95
C ILE A 195 -17.20 -14.66 14.28
N GLY A 196 -16.33 -14.73 15.28
CA GLY A 196 -15.80 -16.01 15.72
C GLY A 196 -14.78 -16.73 14.85
N LEU A 197 -14.00 -15.97 14.10
CA LEU A 197 -12.97 -16.56 13.26
C LEU A 197 -12.10 -17.43 14.18
N PRO A 198 -11.78 -18.67 13.76
CA PRO A 198 -10.96 -19.55 14.58
C PRO A 198 -9.74 -18.86 15.17
N ARG A 199 -9.54 -19.08 16.47
CA ARG A 199 -8.40 -18.49 17.19
C ARG A 199 -7.08 -18.75 16.49
N GLY A 200 -6.22 -17.73 16.49
CA GLY A 200 -4.90 -17.87 15.91
C GLY A 200 -4.80 -17.67 14.40
N VAL A 201 -5.92 -17.63 13.70
CA VAL A 201 -5.89 -17.44 12.25
C VAL A 201 -5.56 -15.98 11.92
N PHE A 202 -6.12 -15.06 12.69
CA PHE A 202 -5.86 -13.64 12.51
C PHE A 202 -5.39 -13.08 13.84
N ASN A 203 -4.24 -12.41 13.83
CA ASN A 203 -3.69 -11.83 15.04
C ASN A 203 -3.18 -10.42 14.78
N LEU A 204 -3.42 -9.54 15.74
CA LEU A 204 -3.00 -8.16 15.60
C LEU A 204 -2.08 -7.81 16.76
N VAL A 205 -0.83 -7.50 16.44
CA VAL A 205 0.12 -7.10 17.47
C VAL A 205 0.39 -5.61 17.28
N LEU A 206 0.71 -4.91 18.36
CA LEU A 206 0.94 -3.48 18.27
C LEU A 206 2.31 -3.07 18.76
N GLY A 207 2.91 -2.08 18.08
CA GLY A 207 4.22 -1.60 18.48
C GLY A 207 4.99 -0.95 17.36
N ARG A 208 6.29 -0.76 17.59
CA ARG A 208 7.18 -0.14 16.61
C ARG A 208 7.73 -1.18 15.65
N GLY A 209 8.31 -0.70 14.55
CA GLY A 209 8.88 -1.59 13.55
C GLY A 209 10.19 -2.23 13.96
N GLU A 210 11.04 -1.47 14.66
CA GLU A 210 12.32 -2.02 15.08
C GLU A 210 12.15 -3.10 16.14
N THR A 211 10.99 -3.13 16.78
CA THR A 211 10.71 -4.11 17.80
C THR A 211 9.76 -5.20 17.29
N VAL A 212 8.47 -4.87 17.27
CA VAL A 212 7.44 -5.79 16.81
C VAL A 212 7.60 -6.17 15.33
N GLY A 213 7.84 -5.17 14.49
CA GLY A 213 8.00 -5.44 13.07
C GLY A 213 9.12 -6.42 12.80
N GLN A 214 10.28 -6.14 13.38
CA GLN A 214 11.44 -7.00 13.21
C GLN A 214 11.15 -8.44 13.59
N GLU A 215 10.45 -8.65 14.69
CA GLU A 215 10.13 -10.00 15.12
C GLU A 215 9.28 -10.70 14.07
N LEU A 216 8.34 -9.97 13.47
CA LEU A 216 7.47 -10.53 12.45
C LEU A 216 8.23 -10.91 11.19
N ALA A 217 9.44 -10.41 11.06
CA ALA A 217 10.25 -10.71 9.89
C ALA A 217 11.36 -11.69 10.23
N GLY A 218 11.79 -11.67 11.48
CA GLY A 218 12.88 -12.53 11.90
C GLY A 218 12.52 -13.79 12.65
N ASN A 219 11.25 -13.96 13.01
CA ASN A 219 10.87 -15.16 13.72
C ASN A 219 10.95 -16.33 12.74
N PRO A 220 11.75 -17.35 13.07
CA PRO A 220 11.96 -18.55 12.24
C PRO A 220 10.70 -19.35 11.92
N LYS A 221 9.61 -19.09 12.62
CA LYS A 221 8.37 -19.81 12.36
C LYS A 221 7.58 -19.15 11.22
N VAL A 222 8.01 -17.96 10.82
CA VAL A 222 7.32 -17.24 9.76
C VAL A 222 7.73 -17.68 8.36
N ALA A 223 6.74 -18.10 7.58
CA ALA A 223 6.96 -18.56 6.21
C ALA A 223 7.24 -17.38 5.27
N MET A 224 6.49 -16.30 5.44
CA MET A 224 6.67 -15.12 4.62
C MET A 224 6.23 -13.86 5.35
N VAL A 225 7.03 -12.80 5.22
CA VAL A 225 6.71 -11.53 5.83
C VAL A 225 6.32 -10.60 4.69
N SER A 226 5.10 -10.09 4.76
CA SER A 226 4.59 -9.17 3.75
C SER A 226 4.60 -7.79 4.38
N MET A 227 5.49 -6.93 3.88
CA MET A 227 5.61 -5.60 4.42
C MET A 227 5.48 -4.49 3.38
N THR A 228 4.80 -3.42 3.78
CA THR A 228 4.58 -2.26 2.94
C THR A 228 5.07 -1.05 3.72
N GLY A 229 6.07 -0.37 3.21
CA GLY A 229 6.61 0.79 3.89
C GLY A 229 7.69 1.49 3.09
N SER A 230 8.66 2.06 3.79
CA SER A 230 9.77 2.76 3.16
C SER A 230 10.80 1.78 2.64
N VAL A 231 11.59 2.23 1.68
CA VAL A 231 12.63 1.39 1.09
C VAL A 231 13.60 0.95 2.16
N SER A 232 14.09 1.90 2.94
CA SER A 232 15.04 1.59 4.01
C SER A 232 14.42 0.59 4.99
N ALA A 233 13.13 0.72 5.25
CA ALA A 233 12.47 -0.20 6.17
C ALA A 233 12.43 -1.58 5.51
N GLY A 234 12.20 -1.60 4.20
CA GLY A 234 12.16 -2.86 3.48
C GLY A 234 13.52 -3.53 3.51
N GLU A 235 14.56 -2.71 3.49
CA GLU A 235 15.93 -3.21 3.53
C GLU A 235 16.16 -3.89 4.88
N LYS A 236 15.71 -3.24 5.95
CA LYS A 236 15.88 -3.80 7.28
C LYS A 236 15.04 -5.07 7.44
N ILE A 237 13.86 -5.08 6.83
CA ILE A 237 12.97 -6.23 6.92
C ILE A 237 13.49 -7.43 6.14
N MET A 238 13.95 -7.19 4.92
CA MET A 238 14.47 -8.28 4.11
C MET A 238 15.76 -8.83 4.71
N ALA A 239 16.61 -7.93 5.19
CA ALA A 239 17.88 -8.34 5.78
C ALA A 239 17.59 -9.29 6.95
N THR A 240 16.59 -8.94 7.75
CA THR A 240 16.22 -9.76 8.90
C THR A 240 15.64 -11.09 8.45
N ALA A 241 14.70 -11.03 7.51
CA ALA A 241 14.06 -12.23 6.98
C ALA A 241 15.10 -13.18 6.39
N ALA A 242 16.26 -12.64 6.05
CA ALA A 242 17.33 -13.41 5.47
C ALA A 242 17.91 -14.43 6.45
N LYS A 243 17.94 -14.06 7.72
CA LYS A 243 18.48 -14.93 8.75
C LYS A 243 17.84 -16.30 8.77
N ASN A 244 16.55 -16.37 8.44
CA ASN A 244 15.86 -17.64 8.42
C ASN A 244 15.34 -18.00 7.04
N ILE A 245 15.91 -17.36 6.03
CA ILE A 245 15.51 -17.62 4.65
C ILE A 245 13.99 -17.49 4.56
N THR A 246 13.45 -16.46 5.22
CA THR A 246 12.02 -16.21 5.19
C THR A 246 11.65 -15.48 3.90
N LYS A 247 10.59 -15.92 3.26
CA LYS A 247 10.18 -15.29 2.02
C LYS A 247 9.65 -13.89 2.32
N VAL A 248 9.91 -12.95 1.41
CA VAL A 248 9.44 -11.60 1.60
C VAL A 248 8.58 -11.16 0.44
N CYS A 249 7.58 -10.34 0.75
CA CYS A 249 6.69 -9.76 -0.24
C CYS A 249 6.76 -8.29 0.18
N LEU A 250 7.44 -7.47 -0.62
CA LEU A 250 7.61 -6.07 -0.28
C LEU A 250 7.03 -5.08 -1.27
N GLU A 251 6.43 -4.02 -0.71
CA GLU A 251 5.82 -2.92 -1.46
C GLU A 251 6.49 -1.71 -0.81
N LEU A 252 7.48 -1.14 -1.49
CA LEU A 252 8.24 -0.04 -0.91
C LEU A 252 8.10 1.37 -1.51
N GLY A 253 7.00 1.63 -2.22
CA GLY A 253 6.82 2.96 -2.76
C GLY A 253 7.25 3.15 -4.20
N GLY A 254 7.18 4.39 -4.67
CA GLY A 254 7.56 4.68 -6.03
C GLY A 254 7.71 6.16 -6.32
N LYS A 255 8.10 6.45 -7.56
CA LYS A 255 8.28 7.81 -8.04
C LYS A 255 7.63 7.75 -9.40
N ALA A 256 6.38 7.32 -9.39
CA ALA A 256 5.60 7.13 -10.61
C ALA A 256 5.68 8.30 -11.59
N PRO A 257 6.23 8.04 -12.77
CA PRO A 257 6.35 9.08 -13.80
C PRO A 257 5.06 9.13 -14.63
N ALA A 258 4.75 10.33 -15.12
CA ALA A 258 3.56 10.53 -15.94
C ALA A 258 4.05 11.18 -17.24
N ILE A 259 3.73 10.58 -18.37
CA ILE A 259 4.17 11.12 -19.65
C ILE A 259 3.02 11.69 -20.45
N VAL A 260 3.10 12.98 -20.76
CA VAL A 260 2.07 13.66 -21.53
C VAL A 260 2.59 13.96 -22.93
N MET A 261 2.01 13.34 -23.94
CA MET A 261 2.42 13.56 -25.32
C MET A 261 1.66 14.75 -25.89
N ASP A 262 2.21 15.35 -26.95
CA ASP A 262 1.57 16.50 -27.59
C ASP A 262 0.13 16.20 -27.98
N ASP A 263 -0.10 14.96 -28.44
CA ASP A 263 -1.43 14.57 -28.88
C ASP A 263 -2.31 14.05 -27.77
N ALA A 264 -1.97 14.39 -26.53
CA ALA A 264 -2.75 13.91 -25.41
C ALA A 264 -4.04 14.69 -25.20
N ASP A 265 -5.07 14.02 -24.69
CA ASP A 265 -6.32 14.68 -24.38
C ASP A 265 -5.90 15.49 -23.17
N LEU A 266 -5.53 16.74 -23.40
CA LEU A 266 -5.06 17.63 -22.35
C LEU A 266 -5.92 17.67 -21.09
N GLU A 267 -7.22 17.86 -21.25
CA GLU A 267 -8.09 17.90 -20.09
C GLU A 267 -8.05 16.58 -19.33
N LEU A 268 -8.09 15.48 -20.08
CA LEU A 268 -8.05 14.16 -19.48
C LEU A 268 -6.77 13.95 -18.68
N ALA A 269 -5.65 14.31 -19.30
CA ALA A 269 -4.35 14.16 -18.67
C ALA A 269 -4.22 14.97 -17.40
N VAL A 270 -4.64 16.23 -17.44
CA VAL A 270 -4.52 17.08 -16.26
C VAL A 270 -5.34 16.52 -15.11
N LYS A 271 -6.52 16.01 -15.41
CA LYS A 271 -7.35 15.47 -14.35
C LYS A 271 -6.74 14.21 -13.77
N ALA A 272 -6.34 13.30 -14.63
CA ALA A 272 -5.75 12.03 -14.21
C ALA A 272 -4.54 12.26 -13.31
N ILE A 273 -3.60 13.07 -13.80
CA ILE A 273 -2.39 13.37 -13.05
C ILE A 273 -2.66 14.04 -11.70
N VAL A 274 -3.47 15.09 -11.71
CA VAL A 274 -3.78 15.79 -10.46
C VAL A 274 -4.40 14.80 -9.49
N ASP A 275 -5.45 14.12 -9.93
CA ASP A 275 -6.10 13.13 -9.08
C ASP A 275 -5.06 12.17 -8.54
N SER A 276 -4.30 11.57 -9.45
CA SER A 276 -3.27 10.60 -9.10
C SER A 276 -2.18 11.17 -8.20
N ARG A 277 -2.04 12.49 -8.18
CA ARG A 277 -1.02 13.11 -7.36
C ARG A 277 -1.51 13.68 -6.05
N VAL A 278 -2.69 14.27 -6.09
CA VAL A 278 -3.24 14.91 -4.92
C VAL A 278 -3.95 13.95 -3.98
N ILE A 279 -4.33 12.77 -4.48
CA ILE A 279 -5.03 11.79 -3.65
C ILE A 279 -4.23 11.48 -2.38
N ASN A 280 -4.94 11.43 -1.26
CA ASN A 280 -4.32 11.14 0.04
C ASN A 280 -3.14 12.08 0.26
N SER A 281 -3.25 13.29 -0.27
CA SER A 281 -2.20 14.30 -0.14
C SER A 281 -0.88 13.84 -0.76
N GLY A 282 -0.97 13.03 -1.80
CA GLY A 282 0.22 12.54 -2.48
C GLY A 282 0.93 11.47 -1.69
N GLN A 283 0.27 10.96 -0.66
CA GLN A 283 0.85 9.94 0.19
C GLN A 283 0.53 8.52 -0.24
N VAL A 284 0.70 8.25 -1.52
CA VAL A 284 0.44 6.91 -2.05
C VAL A 284 1.65 6.51 -2.90
N CYS A 285 2.00 5.23 -2.86
CA CYS A 285 3.13 4.74 -3.61
C CYS A 285 2.96 4.86 -5.13
N ASN A 286 1.72 4.79 -5.61
CA ASN A 286 1.50 4.89 -7.04
C ASN A 286 1.06 6.28 -7.51
N CYS A 287 1.27 7.29 -6.66
CA CYS A 287 0.92 8.66 -7.00
C CYS A 287 1.79 9.15 -8.13
N ALA A 288 1.25 10.01 -8.98
CA ALA A 288 2.04 10.61 -10.05
C ALA A 288 3.01 11.51 -9.28
N GLU A 289 4.30 11.17 -9.30
CA GLU A 289 5.31 11.93 -8.58
C GLU A 289 6.19 12.79 -9.45
N ARG A 290 6.11 12.60 -10.76
CA ARG A 290 6.92 13.38 -11.68
C ARG A 290 6.26 13.38 -13.05
N VAL A 291 6.13 14.56 -13.64
CA VAL A 291 5.49 14.69 -14.93
C VAL A 291 6.46 15.04 -16.05
N TYR A 292 6.32 14.35 -17.16
CA TYR A 292 7.15 14.63 -18.32
C TYR A 292 6.19 15.10 -19.40
N VAL A 293 6.34 16.35 -19.80
CA VAL A 293 5.46 16.92 -20.81
C VAL A 293 6.24 17.23 -22.06
N GLN A 294 5.74 16.74 -23.20
CA GLN A 294 6.41 16.99 -24.47
C GLN A 294 6.36 18.50 -24.68
N LYS A 295 7.42 19.08 -25.21
CA LYS A 295 7.50 20.52 -25.40
C LYS A 295 6.37 21.17 -26.17
N GLY A 296 5.95 20.55 -27.27
CA GLY A 296 4.88 21.11 -28.07
C GLY A 296 3.63 21.45 -27.28
N ILE A 297 3.36 20.73 -26.20
CA ILE A 297 2.17 20.97 -25.40
C ILE A 297 2.50 21.49 -24.00
N TYR A 298 3.78 21.60 -23.69
CA TYR A 298 4.22 22.06 -22.38
C TYR A 298 3.47 23.28 -21.84
N ASP A 299 3.51 24.39 -22.59
CA ASP A 299 2.85 25.61 -22.17
C ASP A 299 1.39 25.45 -21.75
N GLN A 300 0.53 25.11 -22.71
CA GLN A 300 -0.88 24.98 -22.36
C GLN A 300 -1.11 23.93 -21.30
N PHE A 301 -0.36 22.84 -21.35
CA PHE A 301 -0.53 21.80 -20.36
C PHE A 301 -0.11 22.26 -18.96
N VAL A 302 1.08 22.80 -18.83
CA VAL A 302 1.54 23.25 -17.54
C VAL A 302 0.61 24.32 -16.97
N ASN A 303 0.06 25.17 -17.82
CA ASN A 303 -0.85 26.21 -17.34
C ASN A 303 -2.13 25.56 -16.80
N ARG A 304 -2.69 24.62 -17.57
CA ARG A 304 -3.90 23.92 -17.14
C ARG A 304 -3.62 23.17 -15.85
N LEU A 305 -2.49 22.45 -15.81
CA LEU A 305 -2.10 21.68 -14.64
C LEU A 305 -1.96 22.59 -13.43
N GLY A 306 -1.40 23.78 -13.65
CA GLY A 306 -1.23 24.74 -12.57
C GLY A 306 -2.53 25.16 -11.93
N GLU A 307 -3.51 25.53 -12.74
CA GLU A 307 -4.80 25.96 -12.21
C GLU A 307 -5.43 24.82 -11.42
N ALA A 308 -5.47 23.63 -12.02
CA ALA A 308 -6.06 22.48 -11.40
C ALA A 308 -5.53 22.27 -9.98
N MET A 309 -4.21 22.19 -9.86
CA MET A 309 -3.59 21.99 -8.55
C MET A 309 -3.84 23.14 -7.59
N GLN A 310 -3.82 24.36 -8.11
CA GLN A 310 -4.05 25.53 -7.28
C GLN A 310 -5.47 25.48 -6.74
N ALA A 311 -6.34 24.80 -7.49
CA ALA A 311 -7.73 24.68 -7.09
C ALA A 311 -7.93 23.62 -6.01
N VAL A 312 -6.94 22.76 -5.81
CA VAL A 312 -7.04 21.71 -4.80
C VAL A 312 -7.06 22.30 -3.39
N GLN A 313 -8.16 22.11 -2.70
CA GLN A 313 -8.32 22.62 -1.34
C GLN A 313 -7.95 21.54 -0.32
N PHE A 314 -7.37 21.96 0.80
CA PHE A 314 -6.97 21.03 1.84
C PHE A 314 -7.40 21.53 3.21
N GLY A 315 -7.81 20.60 4.07
CA GLY A 315 -8.22 20.98 5.41
C GLY A 315 -8.33 19.81 6.37
N ASN A 316 -9.02 20.05 7.49
CA ASN A 316 -9.22 19.02 8.50
C ASN A 316 -10.38 18.17 7.99
N PRO A 317 -10.09 16.93 7.55
CA PRO A 317 -11.10 16.01 7.02
C PRO A 317 -12.33 15.78 7.89
N ALA A 318 -12.19 15.89 9.20
CA ALA A 318 -13.32 15.69 10.09
C ALA A 318 -14.28 16.86 10.08
N GLU A 319 -13.78 18.03 9.67
CA GLU A 319 -14.60 19.24 9.66
C GLU A 319 -15.00 19.75 8.28
N ARG A 320 -14.56 19.09 7.23
CA ARG A 320 -14.90 19.52 5.88
C ARG A 320 -14.94 18.34 4.94
N ASN A 321 -15.93 18.34 4.04
CA ASN A 321 -16.06 17.28 3.05
C ASN A 321 -15.96 17.89 1.66
N ASP A 322 -15.48 19.14 1.63
CA ASP A 322 -15.32 19.89 0.39
C ASP A 322 -13.84 20.05 0.01
N ILE A 323 -12.97 19.34 0.72
CA ILE A 323 -11.54 19.41 0.45
C ILE A 323 -11.07 18.15 -0.26
N ALA A 324 -9.94 18.27 -0.96
CA ALA A 324 -9.38 17.15 -1.71
C ALA A 324 -8.24 16.50 -0.92
N MET A 325 -7.64 17.25 -0.01
CA MET A 325 -6.55 16.74 0.79
C MET A 325 -6.71 17.01 2.28
N GLY A 326 -6.08 16.15 3.07
CA GLY A 326 -6.09 16.31 4.51
C GLY A 326 -4.64 16.65 4.83
N PRO A 327 -4.24 16.57 6.10
CA PRO A 327 -2.84 16.88 6.43
C PRO A 327 -1.95 15.68 6.11
N LEU A 328 -0.64 15.88 6.20
CA LEU A 328 0.28 14.77 5.97
C LEU A 328 0.21 13.95 7.26
N ILE A 329 0.70 12.71 7.21
CA ILE A 329 0.63 11.81 8.35
C ILE A 329 1.18 12.32 9.69
N ASN A 330 2.30 13.04 9.67
CA ASN A 330 2.88 13.54 10.91
C ASN A 330 3.91 14.63 10.68
N ALA A 331 4.40 15.21 11.77
CA ALA A 331 5.38 16.29 11.69
C ALA A 331 6.61 15.92 10.85
N ALA A 332 7.16 14.73 11.11
CA ALA A 332 8.34 14.28 10.37
C ALA A 332 8.07 14.26 8.88
N ALA A 333 6.91 13.77 8.49
CA ALA A 333 6.53 13.69 7.09
C ALA A 333 6.51 15.08 6.49
N LEU A 334 5.92 16.03 7.21
CA LEU A 334 5.82 17.42 6.75
C LEU A 334 7.20 18.01 6.52
N GLU A 335 8.06 17.86 7.51
CA GLU A 335 9.41 18.38 7.46
C GLU A 335 10.19 17.73 6.33
N ARG A 336 9.88 16.48 6.04
CA ARG A 336 10.55 15.75 4.98
C ARG A 336 10.21 16.38 3.63
N VAL A 337 8.93 16.70 3.44
CA VAL A 337 8.46 17.32 2.21
C VAL A 337 9.02 18.72 2.03
N GLU A 338 9.04 19.51 3.10
CA GLU A 338 9.59 20.87 3.03
C GLU A 338 11.04 20.84 2.60
N GLN A 339 11.79 19.91 3.19
CA GLN A 339 13.21 19.76 2.89
C GLN A 339 13.46 19.38 1.45
N LYS A 340 12.67 18.45 0.94
CA LYS A 340 12.83 18.00 -0.45
C LYS A 340 12.48 19.10 -1.43
N VAL A 341 11.53 19.95 -1.08
CA VAL A 341 11.15 21.05 -1.95
C VAL A 341 12.29 22.07 -1.92
N ALA A 342 12.86 22.27 -0.74
CA ALA A 342 13.96 23.20 -0.59
C ALA A 342 15.15 22.70 -1.39
N ARG A 343 15.38 21.39 -1.33
CA ARG A 343 16.47 20.77 -2.06
C ARG A 343 16.24 21.05 -3.54
N ALA A 344 14.98 20.99 -3.96
CA ALA A 344 14.62 21.24 -5.35
C ALA A 344 15.00 22.67 -5.73
N VAL A 345 14.54 23.62 -4.91
CA VAL A 345 14.83 25.02 -5.15
C VAL A 345 16.34 25.24 -5.20
N GLU A 346 17.04 24.71 -4.22
CA GLU A 346 18.48 24.82 -4.13
C GLU A 346 19.18 24.27 -5.37
N GLU A 347 18.64 23.22 -5.97
CA GLU A 347 19.22 22.62 -7.16
C GLU A 347 18.89 23.43 -8.41
N GLY A 348 18.00 24.42 -8.28
CA GLY A 348 17.64 25.25 -9.41
C GLY A 348 16.18 25.20 -9.80
N ALA A 349 15.39 24.39 -9.10
CA ALA A 349 13.98 24.27 -9.41
C ALA A 349 13.23 25.57 -9.11
N ARG A 350 12.08 25.74 -9.75
CA ARG A 350 11.27 26.93 -9.59
C ARG A 350 9.93 26.57 -8.95
N VAL A 351 9.58 27.26 -7.88
CA VAL A 351 8.32 26.99 -7.20
C VAL A 351 7.21 27.85 -7.82
N ALA A 352 6.38 27.23 -8.64
CA ALA A 352 5.27 27.95 -9.26
C ALA A 352 4.33 28.40 -8.14
N LEU A 353 3.60 27.45 -7.57
CA LEU A 353 2.69 27.75 -6.46
C LEU A 353 2.95 26.83 -5.27
N GLY A 354 2.41 27.19 -4.11
CA GLY A 354 2.61 26.38 -2.92
C GLY A 354 4.07 26.38 -2.52
N GLY A 355 4.59 25.22 -2.13
CA GLY A 355 5.99 25.13 -1.76
C GLY A 355 6.34 25.59 -0.36
N LYS A 356 5.34 25.82 0.48
CA LYS A 356 5.59 26.27 1.83
C LYS A 356 4.59 25.62 2.80
N ALA A 357 5.10 24.79 3.70
CA ALA A 357 4.27 24.11 4.67
C ALA A 357 3.59 25.12 5.58
N VAL A 358 2.32 24.88 5.89
CA VAL A 358 1.61 25.81 6.77
C VAL A 358 2.17 25.64 8.18
N GLU A 359 2.37 26.77 8.86
CA GLU A 359 2.89 26.74 10.22
C GLU A 359 1.75 26.85 11.19
N GLY A 360 1.42 25.74 11.85
CA GLY A 360 0.33 25.75 12.80
C GLY A 360 -0.12 24.35 13.15
N LYS A 361 -1.18 24.27 13.94
CA LYS A 361 -1.74 22.99 14.39
C LYS A 361 -2.02 22.09 13.18
N GLY A 362 -1.42 20.91 13.18
CA GLY A 362 -1.63 20.01 12.07
C GLY A 362 -0.42 19.99 11.15
N TYR A 363 -0.43 19.09 10.17
CA TYR A 363 0.68 18.99 9.24
C TYR A 363 0.18 19.11 7.83
N TYR A 364 -0.09 20.34 7.44
CA TYR A 364 -0.61 20.61 6.11
C TYR A 364 0.46 21.10 5.17
N TYR A 365 0.36 20.67 3.91
CA TYR A 365 1.28 21.11 2.89
C TYR A 365 0.44 21.40 1.68
N PRO A 366 0.61 22.59 1.11
CA PRO A 366 -0.18 22.96 -0.07
C PRO A 366 0.25 22.25 -1.33
N PRO A 367 -0.67 22.09 -2.28
CA PRO A 367 -0.34 21.44 -3.55
C PRO A 367 0.84 22.26 -4.09
N THR A 368 1.86 21.58 -4.61
CA THR A 368 3.00 22.32 -5.10
C THR A 368 3.42 21.89 -6.49
N LEU A 369 3.67 22.89 -7.33
CA LEU A 369 4.09 22.67 -8.70
C LEU A 369 5.52 23.17 -8.82
N LEU A 370 6.42 22.30 -9.25
CA LEU A 370 7.81 22.67 -9.42
C LEU A 370 8.15 22.69 -10.90
N LEU A 371 8.75 23.78 -11.34
CA LEU A 371 9.12 23.95 -12.73
C LEU A 371 10.62 24.21 -12.86
N ASP A 372 11.10 24.25 -14.10
CA ASP A 372 12.52 24.45 -14.37
C ASP A 372 13.26 23.33 -13.66
N VAL A 373 12.72 22.12 -13.79
CA VAL A 373 13.31 20.96 -13.16
C VAL A 373 14.16 20.21 -14.18
N ARG A 374 15.30 19.72 -13.73
CA ARG A 374 16.17 18.97 -14.61
C ARG A 374 16.12 17.54 -14.13
N GLN A 375 16.08 16.61 -15.07
CA GLN A 375 16.02 15.18 -14.77
C GLN A 375 16.94 14.71 -13.65
N GLU A 376 18.12 15.30 -13.53
CA GLU A 376 19.07 14.89 -12.51
C GLU A 376 18.76 15.41 -11.10
N MET A 377 17.82 16.34 -11.00
CA MET A 377 17.45 16.89 -9.69
C MET A 377 16.86 15.84 -8.76
N SER A 378 17.31 15.85 -7.51
CA SER A 378 16.83 14.90 -6.51
C SER A 378 15.32 14.72 -6.51
N ILE A 379 14.60 15.85 -6.61
CA ILE A 379 13.15 15.85 -6.61
C ILE A 379 12.55 14.90 -7.65
N MET A 380 13.34 14.56 -8.66
CA MET A 380 12.88 13.66 -9.72
C MET A 380 13.24 12.20 -9.44
N HIS A 381 14.00 11.97 -8.38
CA HIS A 381 14.40 10.61 -8.05
C HIS A 381 13.87 10.15 -6.70
N GLU A 382 14.04 10.98 -5.67
CA GLU A 382 13.56 10.65 -4.34
C GLU A 382 12.04 10.76 -4.28
N GLU A 383 11.40 9.77 -3.68
CA GLU A 383 9.94 9.78 -3.55
C GLU A 383 9.57 10.93 -2.60
N THR A 384 8.62 11.76 -3.01
CA THR A 384 8.22 12.90 -2.20
C THR A 384 7.17 12.56 -1.14
N PHE A 385 6.11 11.89 -1.55
CA PHE A 385 5.03 11.52 -0.65
C PHE A 385 4.39 12.78 -0.04
N GLY A 386 4.10 13.73 -0.93
CA GLY A 386 3.48 14.99 -0.54
C GLY A 386 2.84 15.51 -1.81
N PRO A 387 2.00 16.54 -1.74
CA PRO A 387 1.36 17.06 -2.97
C PRO A 387 2.29 17.92 -3.84
N VAL A 388 3.53 17.47 -4.02
CA VAL A 388 4.50 18.21 -4.81
C VAL A 388 4.64 17.59 -6.18
N LEU A 389 4.55 18.41 -7.23
CA LEU A 389 4.64 17.91 -8.59
C LEU A 389 5.67 18.59 -9.47
N PRO A 390 6.80 17.91 -9.72
CA PRO A 390 7.85 18.49 -10.57
C PRO A 390 7.49 18.19 -12.02
N VAL A 391 7.86 19.08 -12.93
CA VAL A 391 7.56 18.88 -14.33
C VAL A 391 8.79 19.08 -15.19
N VAL A 392 9.02 18.14 -16.09
CA VAL A 392 10.16 18.23 -16.97
C VAL A 392 9.67 18.14 -18.40
N ALA A 393 10.28 18.94 -19.27
CA ALA A 393 9.91 18.94 -20.67
C ALA A 393 10.83 17.99 -21.41
N PHE A 394 10.32 17.39 -22.48
CA PHE A 394 11.12 16.47 -23.27
C PHE A 394 10.77 16.61 -24.75
N ASP A 395 11.63 16.09 -25.62
CA ASP A 395 11.41 16.19 -27.06
C ASP A 395 10.71 14.97 -27.63
N THR A 396 11.36 13.82 -27.53
CA THR A 396 10.82 12.59 -28.07
C THR A 396 10.30 11.61 -27.03
N LEU A 397 9.54 10.62 -27.51
CA LEU A 397 9.00 9.57 -26.66
C LEU A 397 10.19 8.90 -26.00
N GLU A 398 11.19 8.57 -26.81
CA GLU A 398 12.40 7.91 -26.35
C GLU A 398 12.94 8.57 -25.10
N GLU A 399 12.96 9.91 -25.08
CA GLU A 399 13.46 10.62 -23.92
C GLU A 399 12.56 10.44 -22.72
N ALA A 400 11.27 10.61 -22.92
CA ALA A 400 10.32 10.46 -21.82
C ALA A 400 10.47 9.06 -21.23
N ILE A 401 10.55 8.04 -22.09
CA ILE A 401 10.69 6.68 -21.63
C ILE A 401 11.97 6.53 -20.84
N SER A 402 13.05 7.00 -21.43
CA SER A 402 14.37 6.93 -20.81
C SER A 402 14.36 7.57 -19.42
N MET A 403 13.76 8.75 -19.31
CA MET A 403 13.73 9.42 -18.03
C MET A 403 12.79 8.74 -17.04
N ALA A 404 11.68 8.22 -17.54
CA ALA A 404 10.73 7.54 -16.68
C ALA A 404 11.44 6.34 -16.08
N ASN A 405 12.20 5.63 -16.91
CA ASN A 405 12.92 4.45 -16.45
C ASN A 405 14.11 4.77 -15.57
N ASP A 406 14.55 6.03 -15.58
CA ASP A 406 15.69 6.45 -14.78
C ASP A 406 15.25 6.59 -13.32
N SER A 407 15.04 5.46 -12.66
CA SER A 407 14.59 5.46 -11.26
C SER A 407 14.82 4.13 -10.55
N ASP A 408 14.95 4.18 -9.23
CA ASP A 408 15.13 2.95 -8.46
C ASP A 408 13.76 2.36 -8.20
N TYR A 409 12.72 3.15 -8.46
CA TYR A 409 11.34 2.72 -8.28
C TYR A 409 10.75 2.37 -9.64
N GLY A 410 9.88 1.37 -9.67
CA GLY A 410 9.27 0.96 -10.91
C GLY A 410 7.90 0.34 -10.65
N LEU A 411 7.14 0.99 -9.78
CA LEU A 411 5.81 0.51 -9.44
C LEU A 411 4.76 0.90 -10.45
N THR A 412 4.57 2.21 -10.61
CA THR A 412 3.56 2.73 -11.51
C THR A 412 4.09 3.75 -12.50
N SER A 413 3.44 3.82 -13.65
CA SER A 413 3.79 4.76 -14.70
C SER A 413 2.50 5.06 -15.45
N SER A 414 2.47 6.19 -16.13
CA SER A 414 1.29 6.57 -16.89
C SER A 414 1.70 7.38 -18.11
N ILE A 415 0.86 7.33 -19.14
CA ILE A 415 1.15 8.08 -20.36
C ILE A 415 -0.17 8.42 -21.02
N TYR A 416 -0.24 9.63 -21.56
CA TYR A 416 -1.43 10.09 -22.23
C TYR A 416 -1.09 10.39 -23.67
N THR A 417 -1.77 9.69 -24.56
CA THR A 417 -1.53 9.85 -25.98
C THR A 417 -2.74 9.30 -26.72
N GLN A 418 -2.81 9.54 -28.02
CA GLN A 418 -3.91 9.06 -28.83
C GLN A 418 -3.32 8.31 -30.01
N ASN A 419 -1.99 8.21 -30.00
CA ASN A 419 -1.27 7.54 -31.08
C ASN A 419 -0.99 6.08 -30.74
N LEU A 420 -1.41 5.18 -31.63
CA LEU A 420 -1.21 3.75 -31.43
C LEU A 420 0.24 3.38 -31.14
N ASN A 421 1.13 3.75 -32.05
CA ASN A 421 2.55 3.43 -31.92
C ASN A 421 3.16 3.98 -30.64
N VAL A 422 2.84 5.23 -30.30
CA VAL A 422 3.38 5.81 -29.09
C VAL A 422 2.96 4.96 -27.91
N ALA A 423 1.68 4.58 -27.89
CA ALA A 423 1.15 3.75 -26.82
C ALA A 423 1.91 2.43 -26.72
N MET A 424 1.94 1.68 -27.82
CA MET A 424 2.63 0.39 -27.85
C MET A 424 4.12 0.51 -27.51
N LYS A 425 4.75 1.60 -27.95
CA LYS A 425 6.16 1.78 -27.65
C LYS A 425 6.34 2.08 -26.17
N ALA A 426 5.40 2.83 -25.59
CA ALA A 426 5.48 3.18 -24.18
C ALA A 426 5.26 1.90 -23.37
N ILE A 427 4.27 1.12 -23.78
CA ILE A 427 3.98 -0.14 -23.09
C ILE A 427 5.26 -0.98 -23.05
N LYS A 428 5.84 -1.19 -24.21
CA LYS A 428 7.05 -2.00 -24.34
C LYS A 428 8.28 -1.39 -23.68
N GLY A 429 8.44 -0.07 -23.79
CA GLY A 429 9.60 0.57 -23.22
C GLY A 429 9.59 0.83 -21.72
N LEU A 430 8.41 1.12 -21.19
CA LEU A 430 8.26 1.41 -19.77
C LEU A 430 8.53 0.20 -18.89
N LYS A 431 9.61 0.28 -18.11
CA LYS A 431 9.97 -0.80 -17.21
C LYS A 431 9.26 -0.62 -15.87
N PHE A 432 7.95 -0.85 -15.86
CA PHE A 432 7.16 -0.69 -14.65
C PHE A 432 6.19 -1.84 -14.44
N GLY A 433 5.72 -2.01 -13.21
CA GLY A 433 4.78 -3.08 -12.93
C GLY A 433 3.39 -2.66 -13.37
N GLU A 434 3.21 -1.35 -13.53
CA GLU A 434 1.94 -0.80 -13.95
C GLU A 434 2.10 0.41 -14.88
N THR A 435 1.28 0.45 -15.91
CA THR A 435 1.27 1.55 -16.83
C THR A 435 -0.17 1.88 -17.14
N TYR A 436 -0.59 3.06 -16.74
CA TYR A 436 -1.94 3.52 -17.00
C TYR A 436 -1.89 4.35 -18.28
N ILE A 437 -2.87 4.13 -19.15
CA ILE A 437 -2.93 4.85 -20.41
C ILE A 437 -4.24 5.59 -20.54
N ASN A 438 -4.17 6.91 -20.42
CA ASN A 438 -5.33 7.80 -20.53
C ASN A 438 -6.32 7.65 -19.39
N ARG A 439 -5.80 7.52 -18.17
CA ARG A 439 -6.63 7.40 -16.97
C ARG A 439 -5.76 7.51 -15.73
N GLU A 440 -6.37 7.74 -14.58
CA GLU A 440 -5.63 7.88 -13.32
C GLU A 440 -5.09 6.57 -12.78
N ASN A 441 -4.04 6.68 -11.96
CA ASN A 441 -3.38 5.53 -11.37
C ASN A 441 -4.11 4.84 -10.22
N PHE A 442 -5.17 4.09 -10.52
CA PHE A 442 -5.90 3.39 -9.47
C PHE A 442 -5.97 1.89 -9.83
N GLU A 443 -5.22 1.06 -9.11
CA GLU A 443 -5.22 -0.38 -9.39
C GLU A 443 -6.57 -1.03 -9.18
N ALA A 444 -6.86 -2.04 -9.99
CA ALA A 444 -8.09 -2.81 -9.88
C ALA A 444 -7.75 -3.95 -8.94
N MET A 445 -8.74 -4.46 -8.21
CA MET A 445 -8.47 -5.56 -7.30
C MET A 445 -8.06 -6.83 -8.05
N GLN A 446 -8.41 -6.90 -9.32
CA GLN A 446 -8.08 -8.07 -10.13
C GLN A 446 -6.83 -7.85 -10.96
N GLY A 447 -6.08 -6.79 -10.66
CA GLY A 447 -4.85 -6.54 -11.39
C GLY A 447 -3.71 -7.10 -10.57
N PHE A 448 -2.48 -6.65 -10.84
CA PHE A 448 -1.35 -7.13 -10.07
C PHE A 448 -0.44 -5.96 -9.70
N HIS A 449 -0.61 -5.48 -8.49
CA HIS A 449 0.17 -4.36 -7.97
C HIS A 449 1.51 -4.88 -7.46
N ALA A 450 2.46 -5.03 -8.37
CA ALA A 450 3.79 -5.53 -8.02
C ALA A 450 4.84 -4.62 -8.66
N GLY A 451 5.60 -3.91 -7.83
CA GLY A 451 6.60 -2.98 -8.33
C GLY A 451 7.95 -3.54 -8.71
N TRP A 452 8.52 -2.98 -9.76
CA TRP A 452 9.84 -3.38 -10.23
C TRP A 452 10.91 -2.73 -9.39
N ARG A 453 12.14 -3.19 -9.58
CA ARG A 453 13.28 -2.65 -8.88
C ARG A 453 13.04 -2.51 -7.37
N LYS A 454 13.50 -1.40 -6.80
CA LYS A 454 13.35 -1.18 -5.37
C LYS A 454 11.92 -0.96 -4.90
N SER A 455 10.98 -0.84 -5.83
CA SER A 455 9.60 -0.63 -5.46
C SER A 455 9.05 -1.85 -4.71
N GLY A 456 9.77 -2.96 -4.79
CA GLY A 456 9.30 -4.13 -4.06
C GLY A 456 9.70 -5.49 -4.61
N ILE A 457 9.19 -6.52 -3.95
CA ILE A 457 9.40 -7.91 -4.32
C ILE A 457 8.05 -8.59 -4.16
N GLY A 458 7.63 -9.31 -5.18
CA GLY A 458 6.32 -9.94 -5.12
C GLY A 458 5.29 -8.88 -5.43
N GLY A 459 4.03 -9.15 -5.10
CA GLY A 459 3.00 -8.17 -5.37
C GLY A 459 1.72 -8.41 -4.61
N ALA A 460 0.69 -7.62 -4.91
CA ALA A 460 -0.59 -7.75 -4.25
C ALA A 460 -1.72 -7.67 -5.26
N ASP A 461 -2.89 -8.16 -4.86
CA ASP A 461 -4.09 -8.14 -5.69
C ASP A 461 -4.13 -9.22 -6.76
N GLY A 462 -5.33 -9.45 -7.28
CA GLY A 462 -5.53 -10.42 -8.33
C GLY A 462 -5.06 -11.84 -8.06
N LYS A 463 -4.99 -12.62 -9.13
CA LYS A 463 -4.58 -14.01 -9.08
C LYS A 463 -3.13 -14.15 -8.60
N HIS A 464 -2.27 -13.27 -9.10
CA HIS A 464 -0.87 -13.33 -8.73
C HIS A 464 -0.63 -12.86 -7.31
N GLY A 465 -1.51 -12.02 -6.81
CA GLY A 465 -1.37 -11.55 -5.44
C GLY A 465 -1.71 -12.74 -4.55
N LEU A 466 -2.77 -13.43 -4.95
CA LEU A 466 -3.27 -14.62 -4.26
C LEU A 466 -2.18 -15.70 -4.23
N HIS A 467 -1.52 -15.93 -5.37
CA HIS A 467 -0.48 -16.95 -5.44
C HIS A 467 0.78 -16.61 -4.66
N GLU A 468 0.85 -15.39 -4.13
CA GLU A 468 2.00 -15.00 -3.32
C GLU A 468 1.93 -15.80 -2.01
N TYR A 469 0.71 -16.19 -1.65
CA TYR A 469 0.47 -16.93 -0.42
C TYR A 469 0.36 -18.42 -0.64
N LEU A 470 0.72 -18.86 -1.84
CA LEU A 470 0.66 -20.27 -2.20
C LEU A 470 2.03 -20.75 -2.64
N GLN A 471 2.34 -21.99 -2.32
CA GLN A 471 3.61 -22.56 -2.74
C GLN A 471 3.30 -23.90 -3.36
N THR A 472 4.29 -24.53 -3.97
CA THR A 472 4.04 -25.80 -4.63
C THR A 472 4.63 -27.07 -4.03
N GLN A 473 3.92 -28.16 -4.28
CA GLN A 473 4.33 -29.48 -3.86
C GLN A 473 4.17 -30.36 -5.09
N VAL A 474 5.28 -30.69 -5.71
CA VAL A 474 5.25 -31.54 -6.90
C VAL A 474 5.32 -33.00 -6.46
N VAL A 475 4.26 -33.74 -6.77
CA VAL A 475 4.22 -35.15 -6.41
C VAL A 475 4.48 -36.04 -7.61
N TYR A 476 5.49 -36.89 -7.50
CA TYR A 476 5.82 -37.82 -8.57
C TYR A 476 5.25 -39.17 -8.15
N LEU A 477 4.04 -39.47 -8.63
CA LEU A 477 3.36 -40.71 -8.28
C LEU A 477 3.64 -41.83 -9.30
N GLN A 478 4.18 -42.95 -8.81
CA GLN A 478 4.48 -44.11 -9.65
C GLN A 478 3.51 -45.26 -9.39
N SER A 479 3.28 -45.55 -8.11
CA SER A 479 2.38 -46.62 -7.65
C SER A 479 2.75 -48.02 -8.15
C1 DXC B . -4.86 2.52 -3.98
C2 DXC B . -5.79 3.75 -4.05
C3 DXC B . -7.06 3.53 -3.17
C4 DXC B . -7.85 2.22 -3.58
C5 DXC B . -6.88 1.00 -3.61
C6 DXC B . -5.61 1.24 -4.46
C7 DXC B . -7.98 4.77 -3.21
C8 DXC B . -8.78 4.92 -4.51
C9 DXC B . -9.59 3.67 -4.88
C10 DXC B . -8.65 2.42 -4.95
C11 DXC B . -10.37 3.82 -6.22
C12 DXC B . -11.22 2.56 -6.63
C13 DXC B . -10.23 1.35 -6.70
C14 DXC B . -9.44 1.15 -5.38
C15 DXC B . -11.33 4.97 -6.39
C16 DXC B . -11.97 4.64 -7.73
C17 DXC B . -11.81 3.13 -8.02
C18 DXC B . -8.77 1.87 -2.40
C19 DXC B . -13.12 2.56 -8.73
O1 DXC B . -9.26 1.55 -7.75
O2 DXC B . -3.70 2.74 -4.80
C20 DXC B . -12.28 2.26 -5.50
C21 DXC B . -13.03 1.07 -9.06
C22 DXC B . -13.07 0.78 -10.58
C23 DXC B . -14.27 1.42 -11.31
O3 DXC B . -14.11 2.55 -11.87
O4 DXC B . -15.38 0.83 -11.31
C24 DXC B . -14.43 2.88 -7.96
C1 DXC C . -8.78 24.23 6.52
C2 DXC C . -8.27 25.69 6.40
C3 DXC C . -6.72 25.73 6.22
C4 DXC C . -5.97 24.95 7.39
C5 DXC C . -6.55 23.52 7.54
C6 DXC C . -8.10 23.51 7.70
C7 DXC C . -6.22 27.19 6.10
C8 DXC C . -6.21 27.95 7.43
C9 DXC C . -5.43 27.21 8.56
C10 DXC C . -5.99 25.76 8.76
C11 DXC C . -5.47 27.97 9.92
C12 DXC C . -4.67 27.25 11.08
C13 DXC C . -5.28 25.82 11.24
C14 DXC C . -5.25 25.02 9.90
C15 DXC C . -5.00 29.41 10.02
C16 DXC C . -5.12 29.66 11.51
C17 DXC C . -4.96 28.30 12.27
C18 DXC C . -4.53 24.68 6.90
C19 DXC C . -3.99 28.47 13.52
O1 DXC C . -6.65 25.88 11.68
O2 DXC C . -10.21 24.23 6.70
C20 DXC C . -3.16 27.09 10.64
C21 DXC C . -3.80 27.20 14.37
C22 DXC C . -3.05 27.42 15.72
C23 DXC C . -3.36 28.76 16.44
O3 DXC C . -4.37 28.85 17.19
O4 DXC C . -2.57 29.75 16.25
C24 DXC C . -2.61 29.04 13.12
C1 DXC D . -13.61 8.00 -6.49
C2 DXC D . -12.61 8.95 -7.20
C3 DXC D . -11.45 9.36 -6.24
C4 DXC D . -12.00 10.01 -4.90
C5 DXC D . -13.07 9.09 -4.25
C6 DXC D . -14.19 8.67 -5.22
C7 DXC D . -10.44 10.29 -6.94
C8 DXC D . -10.92 11.74 -7.12
C9 DXC D . -11.40 12.40 -5.80
C10 DXC D . -12.52 11.51 -5.14
C11 DXC D . -11.93 13.86 -5.99
C12 DXC D . -12.43 14.54 -4.66
C13 DXC D . -13.54 13.62 -4.06
C14 DXC D . -13.05 12.16 -3.83
C15 DXC D . -11.03 14.93 -6.65
C16 DXC D . -11.71 16.26 -6.26
C17 DXC D . -12.89 15.93 -5.30
C18 DXC D . -10.86 9.94 -3.87
C19 DXC D . -13.36 17.20 -4.42
O1 DXC D . -14.69 13.55 -4.92
O2 DXC D . -14.67 7.63 -7.38
C20 DXC D . -11.22 14.62 -3.65
C21 DXC D . -14.54 16.86 -3.46
C22 DXC D . -15.07 18.06 -2.63
C23 DXC D . -15.87 19.08 -3.46
O3 DXC D . -17.07 18.83 -3.74
O4 DXC D . -15.29 20.13 -3.82
C24 DXC D . -12.19 17.90 -3.69
#